data_6HNH
#
_entry.id   6HNH
#
_cell.length_a   1.000
_cell.length_b   1.000
_cell.length_c   1.000
_cell.angle_alpha   90.00
_cell.angle_beta   90.00
_cell.angle_gamma   90.00
#
_symmetry.space_group_name_H-M   'P 1'
#
_entity_poly.entity_id   1
_entity_poly.type   'polypeptide(L)'
_entity_poly.pdbx_seq_one_letter_code
;KLLKLLKKVVGALG(NH2)
;
_entity_poly.pdbx_strand_id   A
#
# COMPACT_ATOMS: atom_id res chain seq x y z
N LYS A 1 -9.28 0.40 9.50
CA LYS A 1 -8.11 1.25 9.86
C LYS A 1 -7.35 1.67 8.61
N LEU A 2 -6.64 2.80 8.68
CA LEU A 2 -5.91 3.33 7.54
C LEU A 2 -4.88 2.33 7.05
N LEU A 3 -5.02 1.91 5.79
CA LEU A 3 -4.11 0.99 5.12
C LEU A 3 -3.90 1.41 3.67
N LYS A 4 -4.35 2.62 3.32
CA LYS A 4 -4.28 3.11 1.95
C LYS A 4 -2.83 3.27 1.51
N LEU A 5 -1.96 3.69 2.44
CA LEU A 5 -0.55 3.84 2.13
C LEU A 5 0.08 2.46 1.94
N LEU A 6 -0.41 1.47 2.70
CA LEU A 6 0.13 0.13 2.65
C LEU A 6 -0.18 -0.49 1.28
N LYS A 7 -1.36 -0.20 0.73
CA LYS A 7 -1.76 -0.69 -0.57
C LYS A 7 -0.85 -0.09 -1.65
N LYS A 8 -0.52 1.20 -1.51
CA LYS A 8 0.37 1.89 -2.44
C LYS A 8 1.80 1.33 -2.35
N VAL A 9 2.24 0.92 -1.16
CA VAL A 9 3.58 0.37 -0.99
C VAL A 9 3.60 -1.02 -1.62
N VAL A 10 2.55 -1.81 -1.43
CA VAL A 10 2.48 -3.15 -2.03
C VAL A 10 2.40 -2.98 -3.55
N GLY A 11 1.82 -1.88 -4.02
CA GLY A 11 1.73 -1.59 -5.45
C GLY A 11 3.09 -1.19 -6.02
N ALA A 12 3.97 -0.62 -5.19
CA ALA A 12 5.31 -0.25 -5.63
C ALA A 12 6.24 -1.46 -5.58
N LEU A 13 5.94 -2.43 -4.70
CA LEU A 13 6.70 -3.67 -4.60
C LEU A 13 6.25 -4.67 -5.67
N GLY A 14 5.14 -4.38 -6.35
CA GLY A 14 4.61 -5.21 -7.42
C GLY A 14 3.88 -6.44 -6.87
N LYS A 1 -9.59 0.81 9.23
CA LYS A 1 -8.17 1.02 9.57
C LYS A 1 -7.44 1.66 8.40
N LEU A 2 -6.54 2.61 8.68
CA LEU A 2 -5.76 3.27 7.64
C LEU A 2 -4.77 2.28 7.03
N LEU A 3 -4.98 1.95 5.75
CA LEU A 3 -4.14 1.02 5.01
C LEU A 3 -3.92 1.52 3.59
N LYS A 4 -4.28 2.78 3.32
CA LYS A 4 -4.19 3.37 1.99
C LYS A 4 -2.74 3.47 1.54
N LEU A 5 -1.84 3.77 2.49
CA LEU A 5 -0.42 3.83 2.19
C LEU A 5 0.14 2.42 2.02
N LEU A 6 -0.45 1.45 2.75
CA LEU A 6 0.05 0.09 2.76
C LEU A 6 -0.14 -0.55 1.38
N LYS A 7 -1.35 -0.44 0.82
CA LYS A 7 -1.63 -1.00 -0.49
C LYS A 7 -0.86 -0.27 -1.57
N LYS A 8 -0.54 1.00 -1.34
CA LYS A 8 0.25 1.79 -2.29
C LYS A 8 1.71 1.34 -2.30
N VAL A 9 2.24 0.92 -1.13
CA VAL A 9 3.61 0.44 -1.04
C VAL A 9 3.66 -0.96 -1.64
N VAL A 10 2.64 -1.79 -1.39
CA VAL A 10 2.59 -3.13 -1.96
C VAL A 10 2.44 -3.01 -3.47
N GLY A 11 1.80 -1.94 -3.94
CA GLY A 11 1.63 -1.69 -5.36
C GLY A 11 2.94 -1.24 -6.01
N ALA A 12 3.83 -0.61 -5.24
CA ALA A 12 5.13 -0.18 -5.74
C ALA A 12 6.10 -1.36 -5.74
N LEU A 13 5.91 -2.31 -4.82
CA LEU A 13 6.72 -3.52 -4.75
C LEU A 13 6.25 -4.55 -5.78
N GLY A 14 5.09 -4.33 -6.39
CA GLY A 14 4.53 -5.22 -7.40
C GLY A 14 3.94 -6.49 -6.79
N LYS A 1 -9.54 0.31 9.10
CA LYS A 1 -8.18 0.69 9.49
C LYS A 1 -7.45 1.37 8.33
N LEU A 2 -6.68 2.41 8.63
CA LEU A 2 -5.92 3.13 7.62
C LEU A 2 -4.81 2.23 7.07
N LEU A 3 -4.94 1.84 5.81
CA LEU A 3 -3.97 0.98 5.13
C LEU A 3 -3.75 1.46 3.69
N LYS A 4 -4.26 2.65 3.35
CA LYS A 4 -4.20 3.18 2.01
C LYS A 4 -2.76 3.43 1.58
N LEU A 5 -1.90 3.78 2.54
CA LEU A 5 -0.49 4.00 2.26
C LEU A 5 0.18 2.66 1.95
N LEU A 6 -0.21 1.61 2.69
CA LEU A 6 0.39 0.31 2.54
C LEU A 6 -0.05 -0.31 1.21
N LYS A 7 -1.26 0.01 0.75
CA LYS A 7 -1.73 -0.45 -0.55
C LYS A 7 -0.85 0.11 -1.66
N LYS A 8 -0.44 1.37 -1.52
CA LYS A 8 0.43 2.02 -2.49
C LYS A 8 1.85 1.46 -2.43
N VAL A 9 2.32 1.06 -1.24
CA VAL A 9 3.66 0.51 -1.08
C VAL A 9 3.67 -0.91 -1.66
N VAL A 10 2.64 -1.70 -1.38
CA VAL A 10 2.56 -3.07 -1.90
C VAL A 10 2.38 -2.99 -3.43
N GLY A 11 1.76 -1.91 -3.92
CA GLY A 11 1.58 -1.70 -5.35
C GLY A 11 2.90 -1.32 -6.02
N ALA A 12 3.82 -0.72 -5.28
CA ALA A 12 5.14 -0.35 -5.80
C ALA A 12 6.08 -1.55 -5.74
N LEU A 13 5.87 -2.44 -4.76
CA LEU A 13 6.64 -3.68 -4.64
C LEU A 13 6.14 -4.74 -5.61
N GLY A 14 4.97 -4.49 -6.23
CA GLY A 14 4.39 -5.40 -7.20
C GLY A 14 3.72 -6.61 -6.53
N LYS A 1 -9.62 0.77 9.19
CA LYS A 1 -8.24 1.13 9.57
C LYS A 1 -7.49 1.71 8.38
N LEU A 2 -6.69 2.75 8.61
CA LEU A 2 -5.92 3.40 7.55
C LEU A 2 -4.83 2.45 7.06
N LEU A 3 -4.97 1.97 5.82
CA LEU A 3 -4.00 1.05 5.20
C LEU A 3 -3.80 1.43 3.74
N LYS A 4 -4.30 2.61 3.34
CA LYS A 4 -4.25 3.05 1.95
C LYS A 4 -2.80 3.21 1.51
N LEU A 5 -1.93 3.66 2.42
CA LEU A 5 -0.52 3.81 2.10
C LEU A 5 0.13 2.43 1.99
N LEU A 6 -0.40 1.46 2.76
CA LEU A 6 0.16 0.12 2.79
C LEU A 6 -0.05 -0.54 1.43
N LYS A 7 -1.26 -0.44 0.89
CA LYS A 7 -1.56 -1.00 -0.43
C LYS A 7 -0.82 -0.26 -1.53
N LYS A 8 -0.46 1.01 -1.28
CA LYS A 8 0.30 1.80 -2.24
C LYS A 8 1.76 1.36 -2.26
N VAL A 9 2.30 0.93 -1.12
CA VAL A 9 3.68 0.45 -1.05
C VAL A 9 3.72 -0.95 -1.66
N VAL A 10 2.71 -1.78 -1.39
CA VAL A 10 2.64 -3.11 -1.96
C VAL A 10 2.45 -2.98 -3.48
N GLY A 11 1.83 -1.89 -3.93
CA GLY A 11 1.65 -1.63 -5.35
C GLY A 11 2.96 -1.21 -6.01
N ALA A 12 3.86 -0.58 -5.26
CA ALA A 12 5.17 -0.19 -5.77
C ALA A 12 6.13 -1.38 -5.76
N LEU A 13 5.92 -2.34 -4.85
CA LEU A 13 6.69 -3.56 -4.79
C LEU A 13 6.20 -4.59 -5.81
N GLY A 14 5.05 -4.32 -6.43
CA GLY A 14 4.47 -5.19 -7.45
C GLY A 14 3.81 -6.43 -6.85
N LYS A 1 -9.62 0.03 8.65
CA LYS A 1 -8.53 0.79 9.27
C LYS A 1 -7.67 1.46 8.22
N LEU A 2 -6.87 2.45 8.63
CA LEU A 2 -5.98 3.15 7.72
C LEU A 2 -4.90 2.19 7.22
N LEU A 3 -4.91 1.92 5.92
CA LEU A 3 -3.93 1.03 5.29
C LEU A 3 -3.68 1.45 3.84
N LYS A 4 -4.21 2.60 3.44
CA LYS A 4 -4.13 3.07 2.06
C LYS A 4 -2.70 3.35 1.64
N LEU A 5 -1.87 3.81 2.59
CA LEU A 5 -0.47 4.10 2.29
C LEU A 5 0.27 2.81 2.00
N LEU A 6 -0.08 1.75 2.74
CA LEU A 6 0.58 0.47 2.60
C LEU A 6 0.14 -0.20 1.30
N LYS A 7 -1.11 0.04 0.87
CA LYS A 7 -1.61 -0.50 -0.39
C LYS A 7 -0.78 0.05 -1.54
N LYS A 8 -0.40 1.33 -1.46
CA LYS A 8 0.41 1.98 -2.47
C LYS A 8 1.84 1.43 -2.47
N VAL A 9 2.37 1.07 -1.30
CA VAL A 9 3.72 0.54 -1.19
C VAL A 9 3.74 -0.89 -1.73
N VAL A 10 2.73 -1.70 -1.39
CA VAL A 10 2.64 -3.06 -1.87
C VAL A 10 2.40 -3.02 -3.38
N GLY A 11 1.75 -1.96 -3.88
CA GLY A 11 1.51 -1.79 -5.31
C GLY A 11 2.79 -1.39 -6.04
N ALA A 12 3.74 -0.75 -5.35
CA ALA A 12 5.01 -0.37 -5.92
C ALA A 12 5.99 -1.54 -5.87
N LEU A 13 5.83 -2.44 -4.89
CA LEU A 13 6.63 -3.65 -4.76
C LEU A 13 6.12 -4.74 -5.71
N GLY A 14 4.94 -4.52 -6.31
CA GLY A 14 4.35 -5.46 -7.24
C GLY A 14 3.70 -6.65 -6.54
N LYS A 1 -7.35 0.74 10.68
CA LYS A 1 -8.34 1.19 9.70
C LYS A 1 -7.67 1.66 8.41
N LEU A 2 -6.86 2.71 8.48
CA LEU A 2 -6.18 3.25 7.31
C LEU A 2 -5.13 2.25 6.82
N LEU A 3 -5.25 1.84 5.55
CA LEU A 3 -4.31 0.91 4.91
C LEU A 3 -4.04 1.34 3.47
N LYS A 4 -4.48 2.54 3.10
CA LYS A 4 -4.34 3.05 1.74
C LYS A 4 -2.87 3.23 1.41
N LEU A 5 -2.07 3.66 2.40
CA LEU A 5 -0.65 3.84 2.19
C LEU A 5 0.01 2.47 2.03
N LEU A 6 -0.51 1.47 2.73
CA LEU A 6 0.04 0.13 2.68
C LEU A 6 -0.18 -0.47 1.30
N LYS A 7 -1.35 -0.21 0.71
CA LYS A 7 -1.67 -0.69 -0.63
C LYS A 7 -0.77 -0.01 -1.65
N LYS A 8 -0.38 1.24 -1.41
CA LYS A 8 0.53 1.97 -2.29
C LYS A 8 1.94 1.40 -2.22
N VAL A 9 2.34 0.90 -1.05
CA VAL A 9 3.67 0.28 -0.89
C VAL A 9 3.64 -1.08 -1.55
N VAL A 10 2.54 -1.83 -1.40
CA VAL A 10 2.43 -3.14 -2.05
C VAL A 10 2.38 -2.93 -3.56
N GLY A 11 1.86 -1.77 -4.01
CA GLY A 11 1.80 -1.44 -5.43
C GLY A 11 3.18 -1.09 -5.97
N ALA A 12 4.09 -0.61 -5.11
CA ALA A 12 5.45 -0.29 -5.52
C ALA A 12 6.31 -1.55 -5.50
N LEU A 13 5.97 -2.51 -4.65
CA LEU A 13 6.66 -3.80 -4.58
C LEU A 13 6.16 -4.74 -5.67
N GLY A 14 5.07 -4.36 -6.35
CA GLY A 14 4.50 -5.14 -7.45
C GLY A 14 3.70 -6.34 -6.94
N LYS A 1 -9.86 0.43 8.75
CA LYS A 1 -8.51 0.71 9.27
C LYS A 1 -7.65 1.41 8.23
N LEU A 2 -6.85 2.38 8.64
CA LEU A 2 -5.97 3.11 7.74
C LEU A 2 -4.88 2.17 7.22
N LEU A 3 -4.92 1.87 5.92
CA LEU A 3 -3.95 0.99 5.28
C LEU A 3 -3.68 1.41 3.83
N LYS A 4 -4.22 2.56 3.44
CA LYS A 4 -4.15 3.04 2.06
C LYS A 4 -2.71 3.33 1.65
N LEU A 5 -1.88 3.77 2.58
CA LEU A 5 -0.49 4.08 2.28
C LEU A 5 0.24 2.78 1.98
N LEU A 6 -0.05 1.73 2.76
CA LEU A 6 0.61 0.45 2.61
C LEU A 6 0.17 -0.21 1.31
N LYS A 7 -1.08 0.03 0.89
CA LYS A 7 -1.58 -0.49 -0.37
C LYS A 7 -0.77 0.07 -1.54
N LYS A 8 -0.40 1.34 -1.44
CA LYS A 8 0.41 2.01 -2.46
C LYS A 8 1.84 1.48 -2.46
N VAL A 9 2.37 1.10 -1.29
CA VAL A 9 3.73 0.56 -1.20
C VAL A 9 3.73 -0.87 -1.74
N VAL A 10 2.73 -1.67 -1.39
CA VAL A 10 2.65 -3.04 -1.88
C VAL A 10 2.41 -3.01 -3.38
N GLY A 11 1.75 -1.95 -3.89
CA GLY A 11 1.52 -1.77 -5.31
C GLY A 11 2.80 -1.38 -6.05
N ALA A 12 3.74 -0.72 -5.36
CA ALA A 12 5.02 -0.35 -5.94
C ALA A 12 5.99 -1.54 -5.90
N LEU A 13 5.81 -2.43 -4.92
CA LEU A 13 6.62 -3.64 -4.80
C LEU A 13 6.11 -4.74 -5.72
N GLY A 14 4.94 -4.54 -6.32
CA GLY A 14 4.35 -5.50 -7.25
C GLY A 14 3.74 -6.70 -6.53
N LYS A 1 -9.36 2.73 10.93
CA LYS A 1 -8.65 1.84 9.99
C LYS A 1 -8.01 2.66 8.88
N LEU A 2 -6.74 2.37 8.59
CA LEU A 2 -6.00 3.03 7.53
C LEU A 2 -4.91 2.08 7.01
N LEU A 3 -5.06 1.65 5.76
CA LEU A 3 -4.14 0.74 5.09
C LEU A 3 -3.92 1.15 3.65
N LYS A 4 -4.42 2.32 3.26
CA LYS A 4 -4.36 2.79 1.88
C LYS A 4 -2.90 2.98 1.47
N LEU A 5 -2.05 3.42 2.41
CA LEU A 5 -0.64 3.59 2.15
C LEU A 5 0.02 2.21 1.99
N LEU A 6 -0.51 1.22 2.71
CA LEU A 6 0.05 -0.12 2.69
C LEU A 6 -0.13 -0.72 1.30
N LYS A 7 -1.32 -0.59 0.73
CA LYS A 7 -1.59 -1.10 -0.61
C LYS A 7 -0.82 -0.31 -1.67
N LYS A 8 -0.46 0.95 -1.36
CA LYS A 8 0.33 1.77 -2.25
C LYS A 8 1.79 1.31 -2.24
N VAL A 9 2.30 0.84 -1.10
CA VAL A 9 3.66 0.33 -0.99
C VAL A 9 3.71 -1.04 -1.66
N VAL A 10 2.69 -1.88 -1.47
CA VAL A 10 2.65 -3.19 -2.10
C VAL A 10 2.53 -2.99 -3.62
N GLY A 11 1.93 -1.87 -4.05
CA GLY A 11 1.81 -1.55 -5.45
C GLY A 11 3.14 -1.10 -6.04
N ALA A 12 4.02 -0.51 -5.22
CA ALA A 12 5.35 -0.09 -5.66
C ALA A 12 6.30 -1.29 -5.69
N LEU A 13 6.04 -2.28 -4.82
CA LEU A 13 6.81 -3.53 -4.78
C LEU A 13 6.36 -4.48 -5.90
N GLY A 14 5.25 -4.16 -6.55
CA GLY A 14 4.72 -4.96 -7.66
C GLY A 14 4.02 -6.23 -7.16
N LYS A 1 -9.89 0.72 9.03
CA LYS A 1 -8.46 0.64 9.33
C LYS A 1 -7.65 1.36 8.26
N LEU A 2 -6.83 2.33 8.68
CA LEU A 2 -5.96 3.06 7.76
C LEU A 2 -4.88 2.12 7.23
N LEU A 3 -4.91 1.85 5.92
CA LEU A 3 -3.93 0.98 5.27
C LEU A 3 -3.69 1.42 3.83
N LYS A 4 -4.23 2.58 3.45
CA LYS A 4 -4.18 3.07 2.08
C LYS A 4 -2.75 3.36 1.65
N LEU A 5 -1.91 3.80 2.60
CA LEU A 5 -0.52 4.08 2.30
C LEU A 5 0.22 2.80 1.98
N LEU A 6 -0.10 1.73 2.71
CA LEU A 6 0.56 0.45 2.55
C LEU A 6 0.11 -0.21 1.26
N LYS A 7 -1.14 0.04 0.84
CA LYS A 7 -1.63 -0.50 -0.43
C LYS A 7 -0.80 0.06 -1.58
N LYS A 8 -0.43 1.34 -1.50
CA LYS A 8 0.40 1.99 -2.51
C LYS A 8 1.84 1.47 -2.48
N VAL A 9 2.36 1.09 -1.31
CA VAL A 9 3.70 0.56 -1.20
C VAL A 9 3.73 -0.86 -1.75
N VAL A 10 2.71 -1.67 -1.42
CA VAL A 10 2.64 -3.03 -1.92
C VAL A 10 2.41 -2.98 -3.43
N GLY A 11 1.78 -1.92 -3.93
CA GLY A 11 1.58 -1.73 -5.36
C GLY A 11 2.87 -1.36 -6.06
N ALA A 12 3.80 -0.72 -5.35
CA ALA A 12 5.10 -0.37 -5.90
C ALA A 12 6.05 -1.56 -5.85
N LEU A 13 5.86 -2.46 -4.87
CA LEU A 13 6.64 -3.68 -4.73
C LEU A 13 6.13 -4.75 -5.70
N GLY A 14 4.96 -4.54 -6.29
CA GLY A 14 4.37 -5.47 -7.25
C GLY A 14 3.75 -6.69 -6.57
N LYS A 1 -9.92 1.53 10.24
CA LYS A 1 -8.78 0.93 9.53
C LYS A 1 -8.04 1.98 8.71
N LEU A 2 -6.75 1.73 8.48
CA LEU A 2 -5.91 2.61 7.66
C LEU A 2 -4.79 1.79 7.03
N LEU A 3 -4.93 1.54 5.72
CA LEU A 3 -3.96 0.76 4.95
C LEU A 3 -3.78 1.39 3.57
N LYS A 4 -4.30 2.61 3.37
CA LYS A 4 -4.27 3.29 2.09
C LYS A 4 -2.85 3.57 1.65
N LEU A 5 -1.99 3.95 2.61
CA LEU A 5 -0.60 4.21 2.32
C LEU A 5 0.16 2.90 2.14
N LEU A 6 -0.37 1.81 2.73
CA LEU A 6 0.32 0.53 2.71
C LEU A 6 0.12 -0.16 1.36
N LYS A 7 -1.10 -0.15 0.83
CA LYS A 7 -1.39 -0.80 -0.44
C LYS A 7 -0.66 -0.09 -1.58
N LYS A 8 -0.39 1.21 -1.42
CA LYS A 8 0.40 1.96 -2.40
C LYS A 8 1.87 1.55 -2.39
N VAL A 9 2.36 1.01 -1.28
CA VAL A 9 3.74 0.51 -1.22
C VAL A 9 3.76 -0.91 -1.79
N VAL A 10 2.74 -1.72 -1.48
CA VAL A 10 2.66 -3.07 -2.03
C VAL A 10 2.48 -2.98 -3.55
N GLY A 11 1.85 -1.90 -4.03
CA GLY A 11 1.64 -1.68 -5.44
C GLY A 11 2.95 -1.28 -6.13
N ALA A 12 3.91 -0.73 -5.39
CA ALA A 12 5.22 -0.39 -5.94
C ALA A 12 6.16 -1.59 -5.89
N LEU A 13 5.95 -2.48 -4.92
CA LEU A 13 6.72 -3.72 -4.80
C LEU A 13 6.20 -4.78 -5.78
N GLY A 14 5.03 -4.54 -6.36
CA GLY A 14 4.43 -5.45 -7.33
C GLY A 14 3.78 -6.66 -6.65
N LYS A 1 -7.27 0.81 11.33
CA LYS A 1 -7.89 1.64 10.29
C LYS A 1 -6.84 2.25 9.38
N LEU A 2 -7.27 2.71 8.19
CA LEU A 2 -6.43 3.25 7.13
C LEU A 2 -5.38 2.25 6.64
N LEU A 3 -5.46 1.89 5.36
CA LEU A 3 -4.56 0.94 4.72
C LEU A 3 -4.19 1.41 3.31
N LYS A 4 -4.56 2.65 2.97
CA LYS A 4 -4.34 3.19 1.64
C LYS A 4 -2.84 3.25 1.35
N LEU A 5 -2.04 3.55 2.38
CA LEU A 5 -0.60 3.59 2.23
C LEU A 5 -0.06 2.18 2.03
N LEU A 6 -0.73 1.20 2.64
CA LEU A 6 -0.30 -0.18 2.58
C LEU A 6 -0.43 -0.70 1.15
N LYS A 7 -1.56 -0.42 0.49
CA LYS A 7 -1.76 -0.82 -0.89
C LYS A 7 -0.82 -0.07 -1.83
N LYS A 8 -0.40 1.14 -1.43
CA LYS A 8 0.55 1.92 -2.22
C LYS A 8 1.96 1.34 -2.12
N VAL A 9 2.32 0.78 -0.96
CA VAL A 9 3.63 0.15 -0.78
C VAL A 9 3.62 -1.19 -1.51
N VAL A 10 2.51 -1.94 -1.44
CA VAL A 10 2.41 -3.20 -2.14
C VAL A 10 2.42 -2.93 -3.64
N GLY A 11 1.92 -1.77 -4.05
CA GLY A 11 1.92 -1.36 -5.45
C GLY A 11 3.32 -1.00 -5.94
N ALA A 12 4.19 -0.54 -5.02
CA ALA A 12 5.57 -0.21 -5.34
C ALA A 12 6.43 -1.47 -5.35
N LEU A 13 6.04 -2.48 -4.56
CA LEU A 13 6.70 -3.78 -4.52
C LEU A 13 6.25 -4.66 -5.69
N GLY A 14 5.20 -4.24 -6.40
CA GLY A 14 4.67 -4.96 -7.54
C GLY A 14 3.84 -6.18 -7.12
N LYS A 1 -9.61 0.35 9.03
CA LYS A 1 -8.38 0.99 9.55
C LYS A 1 -7.52 1.53 8.41
N LEU A 2 -6.61 2.46 8.72
CA LEU A 2 -5.74 3.06 7.74
C LEU A 2 -4.82 2.00 7.13
N LEU A 3 -4.95 1.75 5.83
CA LEU A 3 -4.14 0.78 5.11
C LEU A 3 -3.82 1.26 3.69
N LYS A 4 -4.33 2.45 3.33
CA LYS A 4 -4.22 2.99 1.98
C LYS A 4 -2.77 3.28 1.63
N LEU A 5 -1.99 3.75 2.60
CA LEU A 5 -0.59 4.07 2.33
C LEU A 5 0.16 2.81 1.96
N LEU A 6 -0.16 1.71 2.66
CA LEU A 6 0.49 0.43 2.48
C LEU A 6 0.03 -0.22 1.18
N LYS A 7 -1.19 0.10 0.73
CA LYS A 7 -1.68 -0.41 -0.55
C LYS A 7 -0.86 0.18 -1.69
N LYS A 8 -0.40 1.42 -1.52
CA LYS A 8 0.46 2.07 -2.52
C LYS A 8 1.89 1.54 -2.45
N VAL A 9 2.35 1.11 -1.28
CA VAL A 9 3.69 0.55 -1.13
C VAL A 9 3.69 -0.87 -1.70
N VAL A 10 2.68 -1.67 -1.37
CA VAL A 10 2.58 -3.03 -1.90
C VAL A 10 2.39 -2.95 -3.41
N GLY A 11 1.79 -1.87 -3.91
CA GLY A 11 1.60 -1.67 -5.34
C GLY A 11 2.92 -1.32 -6.03
N ALA A 12 3.87 -0.73 -5.30
CA ALA A 12 5.18 -0.40 -5.86
C ALA A 12 6.12 -1.61 -5.77
N LEU A 13 5.88 -2.48 -4.79
CA LEU A 13 6.63 -3.73 -4.65
C LEU A 13 6.12 -4.80 -5.60
N GLY A 14 4.98 -4.55 -6.25
CA GLY A 14 4.40 -5.47 -7.21
C GLY A 14 3.68 -6.64 -6.53
N LYS A 1 -7.46 0.32 11.20
CA LYS A 1 -8.07 1.17 10.17
C LYS A 1 -7.00 1.85 9.33
N LEU A 2 -7.41 2.35 8.15
CA LEU A 2 -6.55 3.00 7.15
C LEU A 2 -5.43 2.08 6.66
N LEU A 3 -5.47 1.75 5.36
CA LEU A 3 -4.49 0.88 4.72
C LEU A 3 -4.11 1.41 3.34
N LYS A 4 -4.53 2.64 3.03
CA LYS A 4 -4.31 3.23 1.73
C LYS A 4 -2.81 3.45 1.48
N LEU A 5 -2.06 3.72 2.54
CA LEU A 5 -0.63 3.91 2.42
C LEU A 5 0.04 2.58 2.08
N LEU A 6 -0.47 1.49 2.66
CA LEU A 6 0.11 0.17 2.48
C LEU A 6 -0.21 -0.33 1.07
N LYS A 7 -1.38 0.06 0.53
CA LYS A 7 -1.75 -0.33 -0.83
C LYS A 7 -0.76 0.24 -1.83
N LYS A 8 -0.28 1.46 -1.58
CA LYS A 8 0.71 2.11 -2.43
C LYS A 8 2.07 1.45 -2.31
N VAL A 9 2.42 0.94 -1.11
CA VAL A 9 3.71 0.28 -0.91
C VAL A 9 3.66 -1.09 -1.57
N VAL A 10 2.55 -1.82 -1.43
CA VAL A 10 2.41 -3.14 -2.06
C VAL A 10 2.37 -2.95 -3.57
N GLY A 11 1.89 -1.79 -4.04
CA GLY A 11 1.86 -1.48 -5.45
C GLY A 11 3.25 -1.17 -5.99
N ALA A 12 4.15 -0.67 -5.14
CA ALA A 12 5.52 -0.39 -5.53
C ALA A 12 6.37 -1.66 -5.48
N LEU A 13 6.00 -2.60 -4.61
CA LEU A 13 6.65 -3.90 -4.50
C LEU A 13 6.15 -4.85 -5.59
N GLY A 14 5.05 -4.48 -6.28
CA GLY A 14 4.47 -5.26 -7.35
C GLY A 14 3.67 -6.45 -6.83
N LYS A 1 -7.83 0.55 10.46
CA LYS A 1 -8.71 1.17 9.46
C LYS A 1 -7.91 1.69 8.27
N LEU A 2 -7.02 2.66 8.49
CA LEU A 2 -6.20 3.22 7.43
C LEU A 2 -5.22 2.16 6.93
N LEU A 3 -5.24 1.87 5.62
CA LEU A 3 -4.34 0.90 5.02
C LEU A 3 -3.96 1.32 3.60
N LYS A 4 -4.39 2.53 3.18
CA LYS A 4 -4.19 3.02 1.84
C LYS A 4 -2.71 3.24 1.54
N LEU A 5 -1.93 3.62 2.56
CA LEU A 5 -0.51 3.84 2.37
C LEU A 5 0.17 2.51 2.07
N LEU A 6 -0.25 1.45 2.76
CA LEU A 6 0.34 0.14 2.60
C LEU A 6 -0.03 -0.41 1.22
N LYS A 7 -1.23 -0.10 0.74
CA LYS A 7 -1.67 -0.53 -0.58
C LYS A 7 -0.81 0.12 -1.66
N LYS A 8 -0.32 1.33 -1.40
CA LYS A 8 0.55 2.04 -2.34
C LYS A 8 1.96 1.46 -2.32
N VAL A 9 2.44 1.01 -1.16
CA VAL A 9 3.77 0.43 -1.04
C VAL A 9 3.76 -0.97 -1.65
N VAL A 10 2.71 -1.75 -1.38
CA VAL A 10 2.60 -3.10 -1.95
C VAL A 10 2.42 -2.97 -3.46
N GLY A 11 1.83 -1.86 -3.93
CA GLY A 11 1.66 -1.62 -5.35
C GLY A 11 2.98 -1.23 -6.01
N ALA A 12 3.91 -0.65 -5.24
CA ALA A 12 5.23 -0.30 -5.74
C ALA A 12 6.15 -1.52 -5.74
N LEU A 13 5.92 -2.45 -4.81
CA LEU A 13 6.66 -3.70 -4.73
C LEU A 13 6.15 -4.71 -5.74
N GLY A 14 4.99 -4.43 -6.35
CA GLY A 14 4.38 -5.30 -7.36
C GLY A 14 3.67 -6.49 -6.73
N LYS A 1 -9.77 0.23 8.47
CA LYS A 1 -8.60 0.76 9.20
C LYS A 1 -7.62 1.42 8.23
N LEU A 2 -6.69 2.22 8.76
CA LEU A 2 -5.70 2.90 7.95
C LEU A 2 -4.76 1.89 7.31
N LEU A 3 -4.81 1.80 5.97
CA LEU A 3 -3.98 0.89 5.19
C LEU A 3 -3.65 1.49 3.83
N LYS A 4 -3.99 2.76 3.62
CA LYS A 4 -3.84 3.43 2.34
C LYS A 4 -2.36 3.54 1.94
N LEU A 5 -1.48 3.69 2.94
CA LEU A 5 -0.06 3.79 2.67
C LEU A 5 0.47 2.45 2.14
N LEU A 6 -0.03 1.36 2.72
CA LEU A 6 0.41 0.03 2.37
C LEU A 6 -0.14 -0.35 1.01
N LYS A 7 -1.32 0.15 0.65
CA LYS A 7 -1.92 -0.09 -0.66
C LYS A 7 -1.01 0.46 -1.75
N LYS A 8 -0.40 1.63 -1.50
CA LYS A 8 0.51 2.26 -2.44
C LYS A 8 1.84 1.53 -2.50
N VAL A 9 2.29 0.97 -1.37
CA VAL A 9 3.55 0.24 -1.32
C VAL A 9 3.39 -1.06 -2.09
N VAL A 10 2.28 -1.78 -1.88
CA VAL A 10 2.03 -3.04 -2.58
C VAL A 10 1.76 -2.75 -4.06
N GLY A 11 1.37 -1.52 -4.38
CA GLY A 11 1.15 -1.11 -5.76
C GLY A 11 2.45 -0.68 -6.44
N ALA A 12 3.49 -0.38 -5.65
CA ALA A 12 4.78 0.05 -6.21
C ALA A 12 5.76 -1.11 -6.32
N LEU A 13 5.63 -2.13 -5.45
CA LEU A 13 6.46 -3.32 -5.49
C LEU A 13 5.77 -4.48 -4.78
N GLY A 14 6.22 -5.71 -5.06
CA GLY A 14 5.68 -6.91 -4.45
C GLY A 14 4.33 -7.30 -5.04
N LYS A 1 -9.85 1.97 9.07
CA LYS A 1 -8.51 1.48 9.42
C LYS A 1 -7.48 2.00 8.44
N LEU A 2 -6.30 2.39 8.94
CA LEU A 2 -5.23 2.89 8.10
C LEU A 2 -4.67 1.77 7.24
N LEU A 3 -4.87 1.86 5.92
CA LEU A 3 -4.38 0.86 4.98
C LEU A 3 -3.99 1.51 3.64
N LYS A 4 -4.06 2.85 3.58
CA LYS A 4 -3.84 3.61 2.37
C LYS A 4 -2.41 3.48 1.88
N LEU A 5 -1.45 3.56 2.80
CA LEU A 5 -0.04 3.46 2.44
C LEU A 5 0.28 2.01 2.05
N LEU A 6 -0.43 1.06 2.67
CA LEU A 6 -0.14 -0.35 2.50
C LEU A 6 -0.42 -0.79 1.07
N LYS A 7 -1.61 -0.46 0.54
CA LYS A 7 -1.96 -0.85 -0.82
C LYS A 7 -1.09 -0.11 -1.83
N LYS A 8 -0.67 1.11 -1.51
CA LYS A 8 0.25 1.86 -2.35
C LYS A 8 1.67 1.28 -2.35
N VAL A 9 2.08 0.64 -1.25
CA VAL A 9 3.39 0.02 -1.16
C VAL A 9 3.32 -1.29 -1.93
N VAL A 10 2.26 -2.07 -1.77
CA VAL A 10 2.12 -3.34 -2.49
C VAL A 10 1.95 -3.04 -3.97
N GLY A 11 1.45 -1.85 -4.31
CA GLY A 11 1.23 -1.44 -5.69
C GLY A 11 2.49 -0.86 -6.35
N ALA A 12 3.60 -0.77 -5.61
CA ALA A 12 4.83 -0.20 -6.16
C ALA A 12 6.04 -1.11 -5.92
N LEU A 13 6.01 -1.93 -4.88
CA LEU A 13 7.08 -2.89 -4.61
C LEU A 13 6.78 -4.23 -5.29
N GLY A 14 5.70 -4.30 -6.07
CA GLY A 14 5.29 -5.51 -6.77
C GLY A 14 4.56 -6.50 -5.85
N LYS A 1 -8.79 2.48 11.20
CA LYS A 1 -8.78 1.95 9.83
C LYS A 1 -7.79 2.73 8.97
N LEU A 2 -6.68 2.07 8.59
CA LEU A 2 -5.67 2.65 7.74
C LEU A 2 -4.94 1.54 6.99
N LEU A 3 -5.00 1.58 5.66
CA LEU A 3 -4.32 0.61 4.81
C LEU A 3 -3.87 1.25 3.49
N LYS A 4 -4.01 2.57 3.38
CA LYS A 4 -3.72 3.30 2.16
C LYS A 4 -2.23 3.22 1.81
N LEU A 5 -1.37 3.18 2.83
CA LEU A 5 0.06 3.11 2.58
C LEU A 5 0.41 1.73 2.02
N LEU A 6 -0.28 0.69 2.50
CA LEU A 6 -0.01 -0.66 2.09
C LEU A 6 -0.50 -0.87 0.66
N LYS A 7 -1.58 -0.19 0.28
CA LYS A 7 -2.09 -0.26 -1.08
C LYS A 7 -1.06 0.28 -2.06
N LYS A 8 -0.36 1.35 -1.66
CA LYS A 8 0.69 1.95 -2.47
C LYS A 8 1.95 1.07 -2.50
N VAL A 9 2.25 0.38 -1.40
CA VAL A 9 3.42 -0.48 -1.32
C VAL A 9 3.15 -1.71 -2.20
N VAL A 10 1.95 -2.30 -2.14
CA VAL A 10 1.66 -3.46 -2.97
C VAL A 10 1.58 -3.02 -4.43
N GLY A 11 1.36 -1.72 -4.68
CA GLY A 11 1.23 -1.17 -6.02
C GLY A 11 2.55 -0.63 -6.59
N ALA A 12 3.61 -0.54 -5.78
CA ALA A 12 4.88 0.02 -6.24
C ALA A 12 6.10 -0.69 -5.65
N LEU A 13 5.89 -1.80 -4.92
CA LEU A 13 6.98 -2.57 -4.33
C LEU A 13 6.63 -4.05 -4.33
N GLY A 14 5.35 -4.39 -4.18
CA GLY A 14 4.87 -5.75 -4.21
C GLY A 14 4.76 -6.31 -5.63
N LYS A 1 -4.80 5.99 9.39
CA LYS A 1 -4.44 4.98 8.38
C LYS A 1 -5.32 3.74 8.51
N LEU A 2 -5.37 2.91 7.45
CA LEU A 2 -6.18 1.71 7.45
C LEU A 2 -5.53 0.63 6.56
N LEU A 3 -5.88 0.60 5.27
CA LEU A 3 -5.30 -0.32 4.30
C LEU A 3 -4.96 0.41 3.01
N LYS A 4 -5.26 1.72 2.98
CA LYS A 4 -4.93 2.57 1.85
C LYS A 4 -3.43 2.70 1.73
N LEU A 5 -2.74 2.68 2.87
CA LEU A 5 -1.28 2.72 2.88
C LEU A 5 -0.74 1.36 2.45
N LEU A 6 -1.42 0.30 2.86
CA LEU A 6 -0.97 -1.06 2.63
C LEU A 6 -0.91 -1.34 1.12
N LYS A 7 -2.00 -1.05 0.40
CA LYS A 7 -2.06 -1.28 -1.03
C LYS A 7 -1.10 -0.37 -1.79
N LYS A 8 -0.81 0.81 -1.22
CA LYS A 8 0.16 1.73 -1.80
C LYS A 8 1.59 1.20 -1.67
N VAL A 9 1.89 0.50 -0.57
CA VAL A 9 3.21 -0.08 -0.37
C VAL A 9 3.33 -1.31 -1.26
N VAL A 10 2.27 -2.11 -1.36
CA VAL A 10 2.29 -3.28 -2.23
C VAL A 10 2.39 -2.82 -3.68
N GLY A 11 1.89 -1.62 -3.99
CA GLY A 11 1.98 -1.06 -5.32
C GLY A 11 3.39 -0.55 -5.62
N ALA A 12 4.14 -0.17 -4.59
CA ALA A 12 5.51 0.27 -4.75
C ALA A 12 6.45 -0.93 -4.87
N LEU A 13 6.07 -2.05 -4.25
CA LEU A 13 6.82 -3.30 -4.32
C LEU A 13 6.52 -4.04 -5.63
N GLY A 14 5.49 -3.60 -6.36
CA GLY A 14 5.11 -4.19 -7.63
C GLY A 14 4.33 -5.50 -7.45
N LYS A 1 -6.81 0.12 11.01
CA LYS A 1 -7.56 1.20 10.32
C LYS A 1 -6.67 1.91 9.30
N LEU A 2 -7.25 2.27 8.16
CA LEU A 2 -6.58 2.92 7.02
C LEU A 2 -5.45 2.07 6.45
N LEU A 3 -5.61 1.58 5.22
CA LEU A 3 -4.64 0.71 4.56
C LEU A 3 -4.21 1.34 3.24
N LYS A 4 -4.65 2.58 2.98
CA LYS A 4 -4.41 3.26 1.73
C LYS A 4 -2.93 3.53 1.51
N LEU A 5 -2.19 3.75 2.58
CA LEU A 5 -0.76 3.97 2.47
C LEU A 5 -0.06 2.67 2.08
N LEU A 6 -0.55 1.56 2.63
CA LEU A 6 0.04 0.26 2.41
C LEU A 6 -0.29 -0.24 1.01
N LYS A 7 -1.44 0.18 0.46
CA LYS A 7 -1.81 -0.17 -0.90
C LYS A 7 -0.78 0.37 -1.87
N LYS A 8 -0.28 1.58 -1.60
CA LYS A 8 0.76 2.21 -2.41
C LYS A 8 2.12 1.53 -2.23
N VAL A 9 2.38 0.93 -1.06
CA VAL A 9 3.63 0.23 -0.82
C VAL A 9 3.58 -1.13 -1.52
N VAL A 10 2.45 -1.83 -1.42
CA VAL A 10 2.32 -3.13 -2.08
C VAL A 10 2.31 -2.91 -3.60
N GLY A 11 1.87 -1.73 -4.05
CA GLY A 11 1.89 -1.38 -5.46
C GLY A 11 3.31 -1.09 -5.95
N ALA A 12 4.22 -0.72 -5.04
CA ALA A 12 5.61 -0.47 -5.38
C ALA A 12 6.40 -1.78 -5.32
N LEU A 13 5.98 -2.72 -4.47
CA LEU A 13 6.60 -4.03 -4.36
C LEU A 13 6.12 -4.95 -5.49
N GLY A 14 5.09 -4.53 -6.22
CA GLY A 14 4.54 -5.29 -7.33
C GLY A 14 3.67 -6.45 -6.87
N LYS A 1 -7.81 -0.32 10.84
CA LYS A 1 -8.25 0.74 9.93
C LYS A 1 -7.05 1.42 9.27
N LEU A 2 -7.30 2.14 8.17
CA LEU A 2 -6.30 2.83 7.36
C LEU A 2 -5.24 1.88 6.79
N LEU A 3 -5.22 1.74 5.47
CA LEU A 3 -4.28 0.86 4.79
C LEU A 3 -3.90 1.42 3.41
N LYS A 4 -4.34 2.65 3.13
CA LYS A 4 -4.14 3.28 1.83
C LYS A 4 -2.66 3.49 1.54
N LEU A 5 -1.87 3.79 2.57
CA LEU A 5 -0.45 4.01 2.38
C LEU A 5 0.21 2.71 1.95
N LEU A 6 -0.24 1.60 2.55
CA LEU A 6 0.32 0.29 2.27
C LEU A 6 -0.13 -0.19 0.90
N LYS A 7 -1.30 0.26 0.43
CA LYS A 7 -1.79 -0.11 -0.90
C LYS A 7 -0.85 0.44 -1.96
N LYS A 8 -0.29 1.63 -1.71
CA LYS A 8 0.68 2.22 -2.62
C LYS A 8 2.05 1.54 -2.52
N VAL A 9 2.37 0.94 -1.38
CA VAL A 9 3.63 0.21 -1.21
C VAL A 9 3.51 -1.13 -1.91
N VAL A 10 2.36 -1.81 -1.77
CA VAL A 10 2.12 -3.07 -2.45
C VAL A 10 2.06 -2.82 -3.95
N GLY A 11 1.74 -1.57 -4.35
CA GLY A 11 1.72 -1.16 -5.73
C GLY A 11 3.09 -0.72 -6.23
N ALA A 12 4.13 -0.76 -5.39
CA ALA A 12 5.47 -0.30 -5.76
C ALA A 12 6.53 -1.38 -5.52
N LEU A 13 6.20 -2.45 -4.79
CA LEU A 13 7.11 -3.57 -4.58
C LEU A 13 6.37 -4.90 -4.51
N GLY A 14 5.13 -4.93 -4.98
CA GLY A 14 4.29 -6.12 -4.98
C GLY A 14 3.34 -6.15 -6.17
#